data_4JXM
#
_entry.id   4JXM
#
_cell.length_a   63.746
_cell.length_b   63.746
_cell.length_c   167.601
_cell.angle_alpha   90.000
_cell.angle_beta   90.000
_cell.angle_gamma   90.000
#
_symmetry.space_group_name_H-M   'P 43 21 2'
#
loop_
_entity.id
_entity.type
_entity.pdbx_description
1 polymer 'U3 small nucleolar RNA-interacting protein 2'
2 non-polymer 'UNKNOWN ATOM OR ION'
3 water water
#
_entity_poly.entity_id   1
_entity_poly.type   'polypeptide(L)'
_entity_poly.pdbx_seq_one_letter_code
;MHHHHHHSSGRENLYFQGEQRGRLQKLVAKEIQAPASADIRVLRGHQLSITCLVVTPDDSAIFSAAKDCSIIKWSVESGR
KLHVIPRAKKGAEGKPPGHSSHVLCMAISSDGKYLASGDRSKLILIWEAQSCQHLYTFTGHRDAVSGLAFRRGTHQLYST
SHDRSVKVWNVAENSYVETLFGHQDAVAALDALSRECCVTAGGRDGTVRVWKIPEESQLVFYGHQGSIDCIHLINEEHMV
SGADDGSVALWGLSKKRPLALQREAHGLRGEPGLEQPFWISSVAALLNTDLVATGSHSSCVRLWQCGEGFRQLDLLCDIP
LVGFINSLKFSSSGDFLVAGVGQEHRLGRWWRIKEARNSVCIIPLRRVPVP
;
_entity_poly.pdbx_strand_id   A
#
# COMPACT_ATOMS: atom_id res chain seq x y z
N GLU A 31 19.89 -14.90 9.89
CA GLU A 31 19.52 -14.09 8.71
C GLU A 31 18.25 -14.66 8.05
N ILE A 32 17.72 -13.92 7.08
CA ILE A 32 16.59 -14.38 6.27
C ILE A 32 17.17 -15.05 5.03
N GLN A 33 16.68 -16.25 4.72
CA GLN A 33 17.09 -16.97 3.53
C GLN A 33 16.47 -16.25 2.32
N ALA A 34 17.29 -15.82 1.37
CA ALA A 34 16.77 -15.08 0.18
C ALA A 34 15.87 -15.99 -0.63
N PRO A 35 14.58 -15.66 -0.75
CA PRO A 35 13.70 -16.54 -1.52
C PRO A 35 13.96 -16.47 -3.01
N ALA A 36 13.78 -17.58 -3.70
CA ALA A 36 13.95 -17.65 -5.12
C ALA A 36 12.61 -17.99 -5.79
N SER A 37 12.60 -18.05 -7.13
CA SER A 37 11.40 -18.39 -7.88
CA SER A 37 11.38 -18.36 -7.86
C SER A 37 10.80 -19.74 -7.49
N ALA A 38 11.65 -20.70 -7.16
CA ALA A 38 11.21 -22.04 -6.71
C ALA A 38 10.41 -22.01 -5.38
N ASP A 39 10.50 -20.91 -4.65
CA ASP A 39 9.82 -20.71 -3.37
C ASP A 39 8.57 -19.87 -3.48
N ILE A 40 8.47 -19.04 -4.51
CA ILE A 40 7.43 -18.05 -4.55
C ILE A 40 6.14 -18.65 -5.17
N ARG A 41 5.05 -18.65 -4.42
CA ARG A 41 3.78 -19.17 -4.89
C ARG A 41 3.02 -18.07 -5.62
N VAL A 42 2.66 -18.34 -6.86
CA VAL A 42 2.07 -17.34 -7.76
C VAL A 42 0.60 -17.69 -7.92
N LEU A 43 -0.28 -16.86 -7.41
CA LEU A 43 -1.69 -17.10 -7.49
C LEU A 43 -2.33 -16.36 -8.66
N ARG A 44 -2.95 -17.12 -9.55
CA ARG A 44 -3.47 -16.59 -10.80
CA ARG A 44 -3.47 -16.64 -10.83
C ARG A 44 -4.99 -16.57 -10.80
N GLY A 45 -5.55 -15.57 -11.45
CA GLY A 45 -7.00 -15.47 -11.59
C GLY A 45 -7.54 -14.11 -11.97
N HIS A 46 -6.89 -13.04 -11.53
CA HIS A 46 -7.21 -11.73 -12.03
C HIS A 46 -6.88 -11.65 -13.52
N GLN A 47 -7.73 -10.95 -14.25
CA GLN A 47 -7.61 -10.79 -15.68
C GLN A 47 -6.76 -9.55 -16.06
N LEU A 48 -6.60 -8.62 -15.12
CA LEU A 48 -5.80 -7.42 -15.36
C LEU A 48 -4.92 -7.17 -14.13
N SER A 49 -4.10 -6.14 -14.20
CA SER A 49 -3.14 -5.78 -13.16
C SER A 49 -3.70 -5.61 -11.75
N ILE A 50 -3.04 -6.23 -10.78
CA ILE A 50 -3.44 -6.10 -9.40
C ILE A 50 -3.11 -4.67 -8.96
N THR A 51 -4.05 -4.03 -8.28
CA THR A 51 -3.86 -2.65 -7.75
C THR A 51 -3.53 -2.57 -6.27
N CYS A 52 -4.03 -3.52 -5.50
CA CYS A 52 -3.85 -3.50 -4.07
C CYS A 52 -4.23 -4.83 -3.47
N LEU A 53 -3.74 -5.07 -2.26
CA LEU A 53 -4.16 -6.23 -1.51
C LEU A 53 -4.02 -6.05 -0.04
N VAL A 54 -4.67 -6.93 0.71
CA VAL A 54 -4.42 -7.05 2.14
C VAL A 54 -4.34 -8.49 2.55
N VAL A 55 -3.70 -8.71 3.68
CA VAL A 55 -3.61 -10.01 4.31
C VAL A 55 -4.48 -9.94 5.56
N THR A 56 -5.29 -10.97 5.80
CA THR A 56 -6.12 -10.97 6.99
C THR A 56 -5.21 -11.05 8.24
N PRO A 57 -5.61 -10.41 9.35
CA PRO A 57 -4.82 -10.41 10.60
C PRO A 57 -4.42 -11.78 11.06
N ASP A 58 -5.28 -12.76 10.87
CA ASP A 58 -4.95 -14.13 11.29
C ASP A 58 -4.03 -14.85 10.28
N ASP A 59 -3.64 -14.17 9.21
CA ASP A 59 -2.71 -14.71 8.19
C ASP A 59 -3.27 -15.88 7.35
N SER A 60 -4.57 -16.11 7.40
CA SER A 60 -5.13 -17.27 6.71
C SER A 60 -5.59 -16.95 5.28
N ALA A 61 -5.82 -15.68 5.00
CA ALA A 61 -6.36 -15.30 3.70
C ALA A 61 -5.80 -13.99 3.18
N ILE A 62 -5.90 -13.82 1.87
CA ILE A 62 -5.52 -12.60 1.19
C ILE A 62 -6.72 -12.09 0.39
N PHE A 63 -6.98 -10.77 0.42
CA PHE A 63 -7.88 -10.14 -0.49
C PHE A 63 -7.05 -9.34 -1.46
N SER A 64 -7.30 -9.50 -2.76
CA SER A 64 -6.67 -8.67 -3.76
C SER A 64 -7.72 -8.02 -4.66
N ALA A 65 -7.37 -6.87 -5.20
CA ALA A 65 -8.18 -6.21 -6.22
C ALA A 65 -7.33 -5.81 -7.41
N ALA A 66 -7.99 -5.60 -8.56
CA ALA A 66 -7.30 -5.41 -9.83
C ALA A 66 -8.05 -4.47 -10.72
N LYS A 67 -7.42 -4.10 -11.85
CA LYS A 67 -8.09 -3.23 -12.86
C LYS A 67 -9.27 -3.93 -13.54
N ASP A 68 -9.43 -5.22 -13.30
CA ASP A 68 -10.66 -5.93 -13.72
C ASP A 68 -11.90 -5.63 -12.83
N CYS A 69 -11.71 -4.80 -11.80
CA CYS A 69 -12.78 -4.30 -10.89
C CYS A 69 -13.29 -5.38 -9.92
N SER A 70 -12.64 -6.54 -9.91
CA SER A 70 -13.07 -7.64 -9.03
C SER A 70 -12.22 -7.64 -7.77
N ILE A 71 -12.75 -8.27 -6.72
CA ILE A 71 -11.99 -8.60 -5.53
C ILE A 71 -11.98 -10.10 -5.34
N ILE A 72 -10.79 -10.68 -5.13
CA ILE A 72 -10.67 -12.11 -4.92
C ILE A 72 -10.11 -12.33 -3.50
N LYS A 73 -10.74 -13.26 -2.79
CA LYS A 73 -10.26 -13.76 -1.50
C LYS A 73 -9.61 -15.11 -1.74
N TRP A 74 -8.35 -15.27 -1.29
CA TRP A 74 -7.54 -16.43 -1.51
C TRP A 74 -7.15 -17.05 -0.16
N SER A 75 -7.06 -18.36 -0.13
CA SER A 75 -6.46 -19.10 1.00
C SER A 75 -4.94 -19.05 0.91
N VAL A 76 -4.30 -18.57 1.97
CA VAL A 76 -2.83 -18.55 2.02
C VAL A 76 -2.29 -19.95 1.97
N GLU A 77 -2.88 -20.82 2.76
CA GLU A 77 -2.40 -22.19 2.87
C GLU A 77 -2.51 -22.99 1.55
N SER A 78 -3.66 -22.93 0.88
CA SER A 78 -3.84 -23.76 -0.36
C SER A 78 -3.60 -23.00 -1.69
N GLY A 79 -3.67 -21.69 -1.64
CA GLY A 79 -3.69 -20.86 -2.83
C GLY A 79 -5.02 -20.84 -3.59
N ARG A 80 -6.03 -21.55 -3.13
CA ARG A 80 -7.32 -21.58 -3.84
C ARG A 80 -8.18 -20.37 -3.54
N LYS A 81 -9.11 -20.06 -4.44
CA LYS A 81 -10.01 -18.92 -4.22
C LYS A 81 -11.11 -19.32 -3.23
N LEU A 82 -11.33 -18.47 -2.24
CA LEU A 82 -12.39 -18.65 -1.25
C LEU A 82 -13.66 -17.90 -1.66
N HIS A 83 -13.49 -16.76 -2.30
CA HIS A 83 -14.63 -16.02 -2.83
C HIS A 83 -14.18 -15.12 -3.96
N VAL A 84 -15.09 -14.82 -4.89
CA VAL A 84 -14.80 -13.81 -5.89
C VAL A 84 -15.94 -12.79 -5.89
N ILE A 85 -15.62 -11.52 -5.70
CA ILE A 85 -16.58 -10.44 -5.90
C ILE A 85 -16.39 -9.88 -7.31
N PRO A 86 -17.30 -10.20 -8.23
CA PRO A 86 -17.08 -9.71 -9.62
C PRO A 86 -17.31 -8.20 -9.83
N ARG A 87 -16.82 -7.71 -10.97
CA ARG A 87 -17.19 -6.38 -11.46
C ARG A 87 -18.72 -6.25 -11.56
N ALA A 88 -19.27 -5.15 -11.07
CA ALA A 88 -20.70 -4.92 -11.15
C ALA A 88 -21.11 -4.32 -12.51
N LYS A 95 -28.85 -5.95 -9.49
CA LYS A 95 -27.99 -4.85 -9.00
C LYS A 95 -27.09 -5.36 -7.85
N PRO A 96 -26.38 -6.49 -8.10
CA PRO A 96 -25.56 -7.09 -7.05
C PRO A 96 -24.40 -6.16 -6.65
N PRO A 97 -23.96 -6.27 -5.41
CA PRO A 97 -22.94 -5.38 -4.96
C PRO A 97 -21.59 -5.61 -5.63
N GLY A 98 -20.86 -4.54 -5.83
CA GLY A 98 -19.48 -4.64 -6.33
C GLY A 98 -19.08 -3.36 -7.00
N HIS A 99 -17.89 -3.36 -7.56
CA HIS A 99 -17.30 -2.15 -8.10
C HIS A 99 -17.47 -2.06 -9.62
N SER A 100 -17.78 -0.87 -10.13
CA SER A 100 -17.93 -0.66 -11.57
C SER A 100 -16.70 0.01 -12.21
N SER A 101 -15.68 0.34 -11.41
CA SER A 101 -14.46 0.98 -11.87
C SER A 101 -13.33 0.45 -11.00
N HIS A 102 -12.07 0.71 -11.37
CA HIS A 102 -10.96 0.12 -10.64
C HIS A 102 -11.02 0.37 -9.12
N VAL A 103 -10.68 -0.66 -8.36
CA VAL A 103 -10.41 -0.55 -6.97
C VAL A 103 -8.99 -0.07 -6.85
N LEU A 104 -8.74 0.98 -6.10
CA LEU A 104 -7.38 1.52 -5.98
C LEU A 104 -6.75 1.15 -4.63
N CYS A 105 -7.57 0.88 -3.63
CA CYS A 105 -7.11 0.67 -2.28
C CYS A 105 -8.04 -0.19 -1.50
N MET A 106 -7.50 -0.86 -0.47
CA MET A 106 -8.28 -1.71 0.42
C MET A 106 -7.64 -1.69 1.81
N ALA A 107 -8.47 -1.92 2.82
CA ALA A 107 -8.04 -2.07 4.19
C ALA A 107 -8.88 -3.10 4.87
N ILE A 108 -8.31 -3.72 5.90
CA ILE A 108 -9.05 -4.68 6.69
C ILE A 108 -8.89 -4.31 8.18
N SER A 109 -9.96 -4.40 8.95
CA SER A 109 -9.88 -4.08 10.35
C SER A 109 -9.04 -5.15 11.10
N SER A 110 -8.44 -4.74 12.21
CA SER A 110 -7.47 -5.57 12.96
C SER A 110 -8.09 -6.82 13.62
N ASP A 111 -9.41 -6.82 13.84
CA ASP A 111 -10.11 -8.02 14.25
C ASP A 111 -10.54 -8.94 13.08
N GLY A 112 -10.23 -8.53 11.85
CA GLY A 112 -10.61 -9.30 10.67
C GLY A 112 -12.06 -9.16 10.26
N LYS A 113 -12.85 -8.33 10.93
CA LYS A 113 -14.29 -8.29 10.66
C LYS A 113 -14.66 -7.59 9.33
N TYR A 114 -14.09 -6.44 9.10
CA TYR A 114 -14.49 -5.59 7.94
C TYR A 114 -13.42 -5.43 6.91
N LEU A 115 -13.80 -5.60 5.65
CA LEU A 115 -13.02 -5.15 4.51
C LEU A 115 -13.63 -3.87 3.90
N ALA A 116 -12.75 -2.92 3.59
CA ALA A 116 -13.08 -1.70 2.91
C ALA A 116 -12.35 -1.64 1.61
N SER A 117 -13.05 -1.26 0.56
CA SER A 117 -12.43 -1.11 -0.77
C SER A 117 -12.84 0.18 -1.44
N GLY A 118 -11.86 0.89 -1.94
CA GLY A 118 -12.03 2.26 -2.43
C GLY A 118 -11.79 2.28 -3.93
N ASP A 119 -12.63 3.02 -4.67
CA ASP A 119 -12.58 2.93 -6.11
C ASP A 119 -12.57 4.27 -6.86
N ARG A 120 -12.43 4.15 -8.18
CA ARG A 120 -12.54 5.29 -9.10
C ARG A 120 -13.95 5.83 -9.33
N SER A 121 -14.97 5.20 -8.74
CA SER A 121 -16.28 5.77 -8.68
C SER A 121 -16.55 6.66 -7.40
N LYS A 122 -15.50 6.93 -6.61
CA LYS A 122 -15.57 7.83 -5.46
C LYS A 122 -16.17 7.13 -4.25
N LEU A 123 -16.24 5.81 -4.31
CA LEU A 123 -16.98 5.02 -3.32
C LEU A 123 -16.03 4.23 -2.46
N ILE A 124 -16.45 3.98 -1.23
CA ILE A 124 -15.80 2.99 -0.33
C ILE A 124 -16.83 1.94 -0.03
N LEU A 125 -16.57 0.68 -0.41
CA LEU A 125 -17.55 -0.37 -0.12
C LEU A 125 -17.05 -1.14 1.09
N ILE A 126 -17.98 -1.49 1.96
CA ILE A 126 -17.66 -2.23 3.19
C ILE A 126 -18.27 -3.62 3.11
N TRP A 127 -17.45 -4.62 3.45
CA TRP A 127 -17.83 -6.00 3.33
C TRP A 127 -17.59 -6.73 4.65
N GLU A 128 -18.42 -7.71 4.94
CA GLU A 128 -18.15 -8.68 6.00
C GLU A 128 -17.04 -9.58 5.46
N ALA A 129 -15.85 -9.51 6.04
CA ALA A 129 -14.69 -10.18 5.49
C ALA A 129 -14.82 -11.72 5.50
N GLN A 130 -15.49 -12.27 6.50
CA GLN A 130 -15.65 -13.72 6.64
C GLN A 130 -16.48 -14.28 5.50
N SER A 131 -17.60 -13.61 5.15
CA SER A 131 -18.56 -14.10 4.15
C SER A 131 -18.48 -13.38 2.82
N CYS A 132 -17.80 -12.22 2.79
CA CYS A 132 -17.80 -11.31 1.63
C CYS A 132 -19.18 -10.70 1.29
N GLN A 133 -20.06 -10.68 2.27
CA GLN A 133 -21.37 -9.99 2.17
C GLN A 133 -21.16 -8.45 2.17
N HIS A 134 -21.78 -7.76 1.22
CA HIS A 134 -21.75 -6.30 1.20
C HIS A 134 -22.59 -5.72 2.35
N LEU A 135 -22.02 -4.80 3.12
CA LEU A 135 -22.68 -4.22 4.28
C LEU A 135 -23.13 -2.78 4.07
N TYR A 136 -22.30 -2.00 3.37
CA TYR A 136 -22.53 -0.56 3.22
C TYR A 136 -21.67 0.03 2.13
N THR A 137 -22.13 1.18 1.64
CA THR A 137 -21.35 2.01 0.72
C THR A 137 -21.26 3.43 1.26
N PHE A 138 -20.02 3.86 1.52
CA PHE A 138 -19.76 5.21 1.96
C PHE A 138 -19.58 6.16 0.76
N THR A 139 -20.45 7.14 0.66
CA THR A 139 -20.33 8.18 -0.34
C THR A 139 -19.85 9.44 0.36
N GLY A 140 -19.26 10.36 -0.40
CA GLY A 140 -18.81 11.62 0.16
C GLY A 140 -17.56 12.17 -0.50
N HIS A 141 -16.64 11.28 -0.87
CA HIS A 141 -15.48 11.71 -1.66
C HIS A 141 -15.93 12.27 -3.03
N ARG A 142 -15.17 13.22 -3.57
CA ARG A 142 -15.53 13.88 -4.83
C ARG A 142 -14.66 13.47 -6.04
N ASP A 143 -13.80 12.50 -5.81
CA ASP A 143 -12.94 11.91 -6.83
C ASP A 143 -12.51 10.51 -6.33
N ALA A 144 -11.67 9.81 -7.11
CA ALA A 144 -11.27 8.46 -6.78
C ALA A 144 -10.76 8.37 -5.33
N VAL A 145 -11.12 7.28 -4.64
CA VAL A 145 -10.57 6.95 -3.32
C VAL A 145 -9.23 6.22 -3.50
N SER A 146 -8.15 6.75 -2.89
CA SER A 146 -6.82 6.28 -3.20
C SER A 146 -6.05 5.68 -2.04
N GLY A 147 -6.57 5.82 -0.83
CA GLY A 147 -5.93 5.21 0.37
C GLY A 147 -6.98 4.92 1.40
N LEU A 148 -6.78 3.81 2.14
CA LEU A 148 -7.62 3.42 3.21
C LEU A 148 -6.78 2.77 4.32
N ALA A 149 -7.13 3.08 5.56
CA ALA A 149 -6.61 2.35 6.70
C ALA A 149 -7.54 2.43 7.87
N PHE A 150 -7.78 1.29 8.53
CA PHE A 150 -8.43 1.26 9.82
C PHE A 150 -7.48 1.65 10.95
N ARG A 151 -7.98 2.38 11.93
CA ARG A 151 -7.27 2.62 13.18
C ARG A 151 -7.25 1.29 13.93
N ARG A 152 -6.05 0.77 14.14
CA ARG A 152 -5.85 -0.50 14.82
C ARG A 152 -6.54 -0.57 16.17
N GLY A 153 -7.24 -1.68 16.40
CA GLY A 153 -7.97 -1.90 17.64
C GLY A 153 -9.36 -1.27 17.62
N THR A 154 -9.77 -0.67 16.50
CA THR A 154 -11.09 -0.04 16.40
C THR A 154 -11.75 -0.36 15.02
N HIS A 155 -12.96 0.14 14.87
CA HIS A 155 -13.62 0.10 13.58
C HIS A 155 -13.69 1.51 12.93
N GLN A 156 -12.78 2.39 13.36
CA GLN A 156 -12.61 3.74 12.76
CA GLN A 156 -12.67 3.70 12.75
C GLN A 156 -11.84 3.59 11.47
N LEU A 157 -12.34 4.18 10.39
CA LEU A 157 -11.70 4.08 9.10
C LEU A 157 -11.25 5.48 8.61
N TYR A 158 -10.05 5.53 8.05
CA TYR A 158 -9.50 6.72 7.49
C TYR A 158 -9.34 6.51 6.00
N SER A 159 -9.78 7.49 5.22
CA SER A 159 -9.62 7.43 3.77
C SER A 159 -8.97 8.68 3.23
N THR A 160 -8.41 8.56 2.03
CA THR A 160 -8.00 9.72 1.29
C THR A 160 -8.30 9.53 -0.21
N SER A 161 -8.09 10.59 -0.98
CA SER A 161 -8.65 10.64 -2.30
C SER A 161 -7.90 11.58 -3.25
N HIS A 162 -8.13 11.39 -4.52
CA HIS A 162 -7.75 12.39 -5.51
C HIS A 162 -8.44 13.74 -5.32
N ASP A 163 -9.47 13.79 -4.50
CA ASP A 163 -10.15 15.06 -4.19
C ASP A 163 -9.38 15.93 -3.17
N ARG A 164 -8.23 15.44 -2.75
CA ARG A 164 -7.25 16.13 -1.87
C ARG A 164 -7.61 16.10 -0.40
N SER A 165 -8.69 15.40 -0.03
CA SER A 165 -9.17 15.40 1.35
C SER A 165 -8.80 14.09 2.01
N VAL A 166 -8.85 14.13 3.33
CA VAL A 166 -8.80 12.96 4.15
C VAL A 166 -10.13 12.89 4.90
N LYS A 167 -10.73 11.72 4.94
CA LYS A 167 -12.01 11.55 5.64
C LYS A 167 -11.92 10.48 6.72
N VAL A 168 -12.76 10.64 7.75
CA VAL A 168 -12.86 9.75 8.89
C VAL A 168 -14.28 9.22 8.94
N TRP A 169 -14.38 7.90 9.08
CA TRP A 169 -15.65 7.18 9.07
C TRP A 169 -15.67 6.23 10.29
N ASN A 170 -16.86 5.86 10.73
CA ASN A 170 -17.02 4.80 11.70
C ASN A 170 -17.79 3.65 11.10
N VAL A 171 -17.12 2.53 10.88
CA VAL A 171 -17.73 1.44 10.15
C VAL A 171 -18.75 0.69 10.99
N ALA A 172 -18.53 0.65 12.31
CA ALA A 172 -19.50 -0.02 13.21
C ALA A 172 -20.85 0.70 13.19
N GLU A 173 -20.86 2.02 12.98
CA GLU A 173 -22.10 2.80 12.96
C GLU A 173 -22.46 3.26 11.54
N ASN A 174 -21.74 2.78 10.55
CA ASN A 174 -21.92 3.23 9.17
C ASN A 174 -22.03 4.77 9.06
N SER A 175 -21.11 5.47 9.70
CA SER A 175 -21.21 6.90 9.86
C SER A 175 -20.02 7.65 9.31
N TYR A 176 -20.30 8.83 8.76
CA TYR A 176 -19.27 9.80 8.39
C TYR A 176 -18.99 10.72 9.57
N VAL A 177 -17.70 10.97 9.85
CA VAL A 177 -17.30 11.74 11.04
C VAL A 177 -16.83 13.12 10.66
N GLU A 178 -15.79 13.22 9.85
CA GLU A 178 -15.27 14.53 9.48
C GLU A 178 -14.33 14.48 8.29
N THR A 179 -14.01 15.67 7.77
CA THR A 179 -13.10 15.80 6.63
C THR A 179 -11.96 16.71 7.01
N LEU A 180 -10.76 16.36 6.57
CA LEU A 180 -9.56 17.13 6.87
C LEU A 180 -8.90 17.57 5.57
N PHE A 181 -8.41 18.80 5.56
CA PHE A 181 -7.79 19.39 4.36
C PHE A 181 -6.35 19.88 4.57
N GLY A 182 -5.59 19.88 3.49
CA GLY A 182 -4.21 20.42 3.49
C GLY A 182 -3.42 20.06 2.25
N HIS A 183 -3.54 18.82 1.78
CA HIS A 183 -2.79 18.41 0.60
C HIS A 183 -3.15 19.29 -0.58
N GLN A 184 -2.15 19.56 -1.43
CA GLN A 184 -2.34 20.46 -2.56
CA GLN A 184 -2.32 20.46 -2.58
C GLN A 184 -2.59 19.76 -3.91
N ASP A 185 -2.54 18.42 -3.94
CA ASP A 185 -2.85 17.63 -5.14
CA ASP A 185 -2.88 17.65 -5.15
C ASP A 185 -3.53 16.33 -4.73
N ALA A 186 -3.83 15.47 -5.70
CA ALA A 186 -4.43 14.16 -5.44
C ALA A 186 -3.52 13.40 -4.47
N VAL A 187 -4.12 12.80 -3.47
CA VAL A 187 -3.32 12.09 -2.46
C VAL A 187 -3.08 10.68 -2.93
N ALA A 188 -1.89 10.16 -2.61
CA ALA A 188 -1.46 8.86 -3.18
C ALA A 188 -1.71 7.68 -2.27
N ALA A 189 -1.61 7.90 -0.96
CA ALA A 189 -1.67 6.77 -0.02
C ALA A 189 -1.89 7.21 1.44
N LEU A 190 -2.32 6.27 2.26
CA LEU A 190 -2.58 6.56 3.64
C LEU A 190 -2.29 5.33 4.47
N ASP A 191 -1.74 5.54 5.66
CA ASP A 191 -1.62 4.44 6.68
C ASP A 191 -1.99 4.93 8.04
N ALA A 192 -2.28 4.00 8.94
CA ALA A 192 -2.57 4.30 10.33
C ALA A 192 -2.18 3.11 11.20
N LEU A 193 -1.95 3.36 12.46
CA LEU A 193 -1.82 2.25 13.43
C LEU A 193 -2.85 2.45 14.57
N SER A 194 -2.44 2.46 15.87
CA SER A 194 -3.43 2.46 16.97
CA SER A 194 -3.40 2.46 17.00
C SER A 194 -3.81 3.85 17.50
N ARG A 195 -2.95 4.83 17.31
CA ARG A 195 -3.25 6.15 17.79
C ARG A 195 -4.29 6.76 16.88
N GLU A 196 -4.98 7.79 17.37
CA GLU A 196 -5.99 8.50 16.59
C GLU A 196 -5.29 9.48 15.62
N CYS A 197 -4.66 8.90 14.61
CA CYS A 197 -3.68 9.59 13.77
C CYS A 197 -3.52 8.81 12.46
N CYS A 198 -3.34 9.50 11.33
CA CYS A 198 -2.93 8.80 10.11
C CYS A 198 -1.86 9.59 9.40
N VAL A 199 -1.16 8.90 8.51
CA VAL A 199 -0.12 9.51 7.70
C VAL A 199 -0.48 9.32 6.25
N THR A 200 -0.19 10.34 5.45
CA THR A 200 -0.52 10.31 4.03
C THR A 200 0.66 10.70 3.17
N ALA A 201 0.70 10.14 1.97
CA ALA A 201 1.70 10.45 0.96
C ALA A 201 1.03 11.39 -0.06
N GLY A 202 1.57 12.60 -0.24
CA GLY A 202 0.96 13.61 -1.06
C GLY A 202 1.14 13.57 -2.57
N GLY A 203 1.77 12.53 -3.10
CA GLY A 203 1.95 12.46 -4.53
C GLY A 203 2.71 13.66 -5.05
N ARG A 204 2.19 14.30 -6.10
CA ARG A 204 2.84 15.46 -6.70
C ARG A 204 2.98 16.66 -5.78
N ASP A 205 2.26 16.72 -4.65
CA ASP A 205 2.52 17.87 -3.73
C ASP A 205 3.87 17.74 -2.95
N GLY A 206 4.53 16.60 -3.09
CA GLY A 206 5.86 16.43 -2.53
C GLY A 206 5.91 16.31 -1.00
N THR A 207 4.75 16.17 -0.34
CA THR A 207 4.72 16.12 1.12
C THR A 207 4.27 14.76 1.67
N VAL A 208 4.71 14.50 2.89
CA VAL A 208 4.11 13.51 3.76
C VAL A 208 3.46 14.29 4.88
N ARG A 209 2.23 13.94 5.22
CA ARG A 209 1.48 14.65 6.24
C ARG A 209 1.06 13.71 7.35
N VAL A 210 1.08 14.24 8.58
CA VAL A 210 0.70 13.48 9.77
C VAL A 210 -0.50 14.18 10.34
N TRP A 211 -1.59 13.44 10.44
CA TRP A 211 -2.89 14.01 10.83
C TRP A 211 -3.17 13.62 12.29
N LYS A 212 -3.07 14.59 13.17
CA LYS A 212 -3.31 14.39 14.60
C LYS A 212 -4.73 14.84 14.83
N ILE A 213 -5.63 13.87 14.89
CA ILE A 213 -7.04 14.12 14.67
C ILE A 213 -7.72 14.82 15.85
N PRO A 214 -7.71 14.22 17.07
CA PRO A 214 -8.32 14.95 18.21
C PRO A 214 -7.58 16.23 18.59
N GLU A 215 -6.28 16.28 18.32
CA GLU A 215 -5.50 17.50 18.51
C GLU A 215 -5.79 18.57 17.46
N GLU A 216 -6.57 18.22 16.42
CA GLU A 216 -6.94 19.13 15.34
C GLU A 216 -5.71 19.80 14.72
N SER A 217 -4.72 18.97 14.44
CA SER A 217 -3.40 19.40 14.07
C SER A 217 -2.87 18.53 12.90
N GLN A 218 -1.96 19.11 12.12
CA GLN A 218 -1.50 18.55 10.86
C GLN A 218 -0.01 18.91 10.71
N LEU A 219 0.86 17.91 10.62
CA LEU A 219 2.29 18.17 10.41
C LEU A 219 2.63 17.92 8.95
N VAL A 220 3.36 18.85 8.34
CA VAL A 220 3.67 18.77 6.90
C VAL A 220 5.17 18.60 6.69
N PHE A 221 5.55 17.46 6.14
CA PHE A 221 6.96 17.16 5.93
C PHE A 221 7.24 17.20 4.46
N TYR A 222 8.35 17.83 4.11
CA TYR A 222 8.71 18.02 2.71
C TYR A 222 9.79 17.03 2.33
N GLY A 223 9.55 16.33 1.23
CA GLY A 223 10.42 15.25 0.80
C GLY A 223 11.53 15.67 -0.14
N HIS A 224 11.31 16.74 -0.91
CA HIS A 224 12.26 17.19 -1.98
C HIS A 224 12.76 16.00 -2.83
N GLN A 225 11.83 15.15 -3.20
CA GLN A 225 12.18 13.94 -3.91
C GLN A 225 11.13 13.51 -4.99
N GLY A 226 10.50 14.47 -5.66
CA GLY A 226 9.47 14.15 -6.64
C GLY A 226 8.16 13.69 -5.96
N SER A 227 7.39 12.89 -6.69
CA SER A 227 6.07 12.48 -6.24
C SER A 227 6.16 11.39 -5.16
N ILE A 228 5.55 11.64 -4.01
CA ILE A 228 5.58 10.67 -2.91
CA ILE A 228 5.60 10.67 -2.92
C ILE A 228 4.41 9.74 -3.10
N ASP A 229 4.68 8.53 -3.55
CA ASP A 229 3.65 7.69 -4.07
C ASP A 229 3.17 6.52 -3.20
N CYS A 230 3.87 6.23 -2.12
CA CYS A 230 3.51 5.09 -1.25
C CYS A 230 4.08 5.34 0.11
N ILE A 231 3.41 4.77 1.12
CA ILE A 231 3.79 5.00 2.49
C ILE A 231 3.34 3.82 3.35
N HIS A 232 4.04 3.57 4.44
CA HIS A 232 3.64 2.50 5.37
C HIS A 232 4.26 2.80 6.72
N LEU A 233 3.49 2.68 7.80
CA LEU A 233 4.04 2.84 9.14
C LEU A 233 4.89 1.63 9.52
N ILE A 234 5.97 1.89 10.24
CA ILE A 234 6.85 0.84 10.73
C ILE A 234 6.46 0.56 12.20
N ASN A 235 6.23 1.61 12.97
CA ASN A 235 5.73 1.57 14.37
C ASN A 235 4.98 2.88 14.59
N GLU A 236 4.50 3.15 15.81
CA GLU A 236 3.64 4.32 16.02
C GLU A 236 4.38 5.68 15.77
N GLU A 237 5.72 5.67 15.83
CA GLU A 237 6.52 6.90 15.68
C GLU A 237 7.39 6.97 14.39
N HIS A 238 7.28 5.97 13.51
CA HIS A 238 8.15 5.92 12.29
C HIS A 238 7.46 5.36 11.06
N MET A 239 7.85 5.84 9.87
CA MET A 239 7.25 5.39 8.66
C MET A 239 8.27 5.38 7.52
N VAL A 240 7.92 4.66 6.47
CA VAL A 240 8.71 4.54 5.25
C VAL A 240 7.87 5.04 4.07
N SER A 241 8.50 5.75 3.16
CA SER A 241 7.82 6.22 1.95
C SER A 241 8.65 5.93 0.74
N GLY A 242 7.98 5.87 -0.43
CA GLY A 242 8.68 5.69 -1.69
C GLY A 242 8.25 6.75 -2.69
N ALA A 243 9.17 7.14 -3.55
CA ALA A 243 8.94 8.27 -4.47
C ALA A 243 9.24 7.93 -5.91
N ASP A 244 8.71 8.74 -6.80
CA ASP A 244 8.88 8.47 -8.23
C ASP A 244 10.27 8.84 -8.72
N ASP A 245 11.11 9.42 -7.87
CA ASP A 245 12.51 9.59 -8.24
C ASP A 245 13.36 8.41 -7.81
N GLY A 246 12.72 7.37 -7.32
CA GLY A 246 13.40 6.16 -6.89
C GLY A 246 13.85 6.14 -5.46
N SER A 247 13.55 7.19 -4.70
CA SER A 247 14.11 7.26 -3.37
CA SER A 247 14.05 7.32 -3.33
C SER A 247 13.14 6.65 -2.35
N VAL A 248 13.73 6.00 -1.35
CA VAL A 248 13.01 5.44 -0.23
C VAL A 248 13.50 6.18 1.04
N ALA A 249 12.56 6.71 1.81
CA ALA A 249 12.84 7.57 2.97
C ALA A 249 12.29 6.93 4.25
N LEU A 250 13.04 7.04 5.33
CA LEU A 250 12.56 6.68 6.67
C LEU A 250 12.31 7.99 7.39
N TRP A 251 11.15 8.10 8.04
CA TRP A 251 10.79 9.28 8.85
C TRP A 251 10.43 8.95 10.29
N GLY A 252 10.70 9.90 11.19
CA GLY A 252 10.18 9.89 12.57
C GLY A 252 8.98 10.82 12.49
N LEU A 253 7.89 10.52 13.19
CA LEU A 253 6.60 11.24 12.94
C LEU A 253 6.61 12.67 13.45
N SER A 254 7.66 13.03 14.18
CA SER A 254 7.78 14.38 14.70
C SER A 254 9.06 15.15 14.26
N LYS A 255 9.84 14.60 13.32
CA LYS A 255 10.98 15.34 12.76
C LYS A 255 10.68 15.62 11.30
N LYS A 256 10.88 16.87 10.87
CA LYS A 256 10.33 17.33 9.58
C LYS A 256 11.13 16.88 8.35
N ARG A 257 12.33 16.37 8.54
CA ARG A 257 13.14 15.85 7.44
C ARG A 257 13.41 14.36 7.64
N PRO A 258 13.54 13.60 6.54
CA PRO A 258 13.78 12.17 6.71
C PRO A 258 14.97 11.84 7.60
N LEU A 259 14.82 10.81 8.40
CA LEU A 259 15.91 10.28 9.20
C LEU A 259 16.93 9.54 8.32
N ALA A 260 16.44 8.94 7.25
CA ALA A 260 17.29 8.28 6.23
C ALA A 260 16.66 8.44 4.84
N LEU A 261 17.51 8.41 3.83
CA LEU A 261 17.03 8.47 2.45
CA LEU A 261 17.04 8.48 2.45
C LEU A 261 17.99 7.68 1.55
N GLN A 262 17.46 6.64 0.95
CA GLN A 262 18.19 5.81 0.02
C GLN A 262 17.80 6.22 -1.40
N ARG A 263 18.73 6.85 -2.09
CA ARG A 263 18.51 7.29 -3.46
C ARG A 263 18.60 6.07 -4.42
N GLU A 264 17.79 6.12 -5.50
CA GLU A 264 17.84 5.11 -6.54
C GLU A 264 17.81 3.70 -5.94
N ALA A 265 16.82 3.46 -5.11
CA ALA A 265 16.77 2.27 -4.28
C ALA A 265 16.59 1.00 -5.11
N HIS A 266 16.00 1.13 -6.31
CA HIS A 266 15.89 0.02 -7.24
C HIS A 266 16.74 0.22 -8.50
N GLY A 267 17.75 1.04 -8.38
CA GLY A 267 18.70 1.26 -9.48
C GLY A 267 18.16 2.16 -10.60
N LEU A 268 18.76 1.96 -11.75
CA LEU A 268 18.76 2.90 -12.89
C LEU A 268 18.57 2.25 -14.25
N ARG A 269 18.08 3.01 -15.22
CA ARG A 269 18.28 2.70 -16.63
C ARG A 269 18.66 3.97 -17.35
N GLY A 270 19.22 3.82 -18.55
CA GLY A 270 19.40 4.96 -19.45
C GLY A 270 20.82 5.11 -19.95
N GLU A 271 21.08 6.26 -20.58
CA GLU A 271 22.41 6.56 -21.11
C GLU A 271 23.31 7.12 -19.98
N PRO A 272 24.65 7.04 -20.15
CA PRO A 272 25.55 7.67 -19.18
C PRO A 272 25.24 9.17 -18.95
N GLY A 273 24.98 9.57 -17.69
CA GLY A 273 24.70 10.98 -17.37
C GLY A 273 23.21 11.35 -17.45
N LEU A 274 22.39 10.45 -17.99
CA LEU A 274 20.95 10.74 -18.30
C LEU A 274 20.05 9.62 -17.72
N GLU A 275 20.49 9.08 -16.60
CA GLU A 275 19.92 7.87 -16.05
C GLU A 275 18.55 8.21 -15.54
N GLN A 276 17.60 7.27 -15.67
CA GLN A 276 16.28 7.42 -15.15
C GLN A 276 16.07 6.35 -14.03
N PRO A 277 15.85 6.80 -12.79
CA PRO A 277 15.66 5.80 -11.74
C PRO A 277 14.31 5.10 -11.83
N PHE A 278 14.31 3.84 -11.42
CA PHE A 278 13.10 3.07 -11.23
C PHE A 278 12.29 3.68 -10.13
N TRP A 279 11.05 3.98 -10.44
CA TRP A 279 10.22 4.63 -9.46
C TRP A 279 9.66 3.62 -8.45
N ILE A 280 9.47 4.06 -7.21
CA ILE A 280 8.97 3.18 -6.14
C ILE A 280 7.42 3.12 -6.16
N SER A 281 6.88 1.94 -6.45
CA SER A 281 5.45 1.73 -6.60
CA SER A 281 5.44 1.77 -6.56
C SER A 281 4.79 1.22 -5.33
N SER A 282 5.55 0.53 -4.48
CA SER A 282 4.99 0.06 -3.23
C SER A 282 6.06 -0.01 -2.17
N VAL A 283 5.63 0.15 -0.91
CA VAL A 283 6.48 -0.08 0.24
C VAL A 283 5.70 -0.81 1.35
N ALA A 284 6.41 -1.56 2.17
CA ALA A 284 5.78 -2.24 3.32
C ALA A 284 6.78 -2.32 4.43
N ALA A 285 6.26 -2.41 5.65
CA ALA A 285 7.11 -2.61 6.81
C ALA A 285 6.52 -3.67 7.70
N LEU A 286 7.37 -4.39 8.39
CA LEU A 286 6.92 -5.43 9.37
C LEU A 286 6.82 -4.75 10.72
N LEU A 287 5.58 -4.62 11.20
CA LEU A 287 5.29 -3.81 12.38
C LEU A 287 6.22 -4.08 13.54
N ASN A 288 6.73 -3.03 14.17
CA ASN A 288 7.61 -3.12 15.32
C ASN A 288 8.88 -3.90 15.11
N THR A 289 9.37 -3.92 13.86
CA THR A 289 10.67 -4.47 13.56
C THR A 289 11.45 -3.44 12.72
N ASP A 290 12.66 -3.81 12.31
CA ASP A 290 13.47 -3.01 11.40
C ASP A 290 13.37 -3.46 9.90
N LEU A 291 12.43 -4.33 9.57
CA LEU A 291 12.32 -4.92 8.22
C LEU A 291 11.37 -4.12 7.34
N VAL A 292 11.86 -3.78 6.15
CA VAL A 292 11.12 -3.03 5.19
C VAL A 292 11.26 -3.71 3.84
N ALA A 293 10.23 -3.59 3.00
CA ALA A 293 10.22 -4.11 1.67
C ALA A 293 9.84 -3.02 0.67
N THR A 294 10.49 -3.03 -0.46
CA THR A 294 10.16 -2.09 -1.54
C THR A 294 9.94 -2.75 -2.88
N GLY A 295 9.06 -2.14 -3.69
CA GLY A 295 8.73 -2.65 -4.98
C GLY A 295 8.68 -1.54 -6.03
N SER A 296 9.07 -1.91 -7.25
CA SER A 296 9.14 -1.01 -8.36
C SER A 296 8.72 -1.84 -9.59
N HIS A 297 9.39 -1.69 -10.73
CA HIS A 297 9.25 -2.60 -11.87
C HIS A 297 10.61 -3.04 -12.36
N SER A 298 11.58 -3.14 -11.42
CA SER A 298 12.99 -3.36 -11.74
C SER A 298 13.36 -4.83 -11.85
N SER A 299 12.34 -5.71 -11.62
CA SER A 299 12.47 -7.18 -11.72
CA SER A 299 12.42 -7.17 -11.72
C SER A 299 12.85 -7.81 -10.38
N CYS A 300 12.86 -7.00 -9.33
CA CYS A 300 12.97 -7.55 -7.98
C CYS A 300 12.27 -6.75 -6.93
N VAL A 301 11.82 -7.47 -5.90
CA VAL A 301 11.43 -6.89 -4.66
C VAL A 301 12.68 -6.80 -3.75
N ARG A 302 12.85 -5.68 -3.05
CA ARG A 302 14.00 -5.54 -2.19
C ARG A 302 13.61 -5.49 -0.72
N LEU A 303 14.35 -6.26 0.06
CA LEU A 303 14.23 -6.25 1.52
C LEU A 303 15.35 -5.46 2.13
N TRP A 304 15.03 -4.65 3.12
CA TRP A 304 15.99 -3.77 3.73
C TRP A 304 15.89 -3.86 5.25
N GLN A 305 16.98 -3.54 5.91
CA GLN A 305 16.98 -3.42 7.32
C GLN A 305 17.29 -2.01 7.72
N CYS A 306 16.46 -1.47 8.62
CA CYS A 306 16.68 -0.14 9.14
C CYS A 306 17.72 -0.18 10.24
N GLY A 307 18.68 0.74 10.18
CA GLY A 307 19.73 0.84 11.15
C GLY A 307 19.25 1.46 12.43
N GLU A 308 20.12 1.44 13.41
CA GLU A 308 19.85 2.09 14.71
C GLU A 308 19.28 3.53 14.54
N GLY A 309 18.18 3.81 15.23
CA GLY A 309 17.56 5.13 15.19
C GLY A 309 16.89 5.44 13.88
N PHE A 310 16.71 4.40 13.04
CA PHE A 310 16.21 4.55 11.66
C PHE A 310 17.03 5.54 10.82
N ARG A 311 18.34 5.65 11.12
CA ARG A 311 19.21 6.63 10.44
CA ARG A 311 19.22 6.62 10.44
C ARG A 311 19.94 6.05 9.22
N GLN A 312 19.65 4.81 8.86
CA GLN A 312 20.25 4.22 7.67
C GLN A 312 19.38 3.04 7.19
N LEU A 313 19.31 2.88 5.86
CA LEU A 313 18.61 1.76 5.22
CA LEU A 313 18.60 1.76 5.26
C LEU A 313 19.66 0.87 4.60
N ASP A 314 19.67 -0.41 4.95
CA ASP A 314 20.70 -1.34 4.42
C ASP A 314 20.01 -2.47 3.67
N LEU A 315 20.46 -2.72 2.43
CA LEU A 315 19.84 -3.74 1.60
C LEU A 315 20.16 -5.13 2.14
N LEU A 316 19.15 -5.95 2.35
CA LEU A 316 19.34 -7.33 2.79
C LEU A 316 19.40 -8.27 1.61
N CYS A 317 18.42 -8.17 0.71
CA CYS A 317 18.45 -9.03 -0.48
C CYS A 317 17.48 -8.61 -1.55
N ASP A 318 17.73 -9.16 -2.74
CA ASP A 318 16.89 -8.97 -3.93
C ASP A 318 16.06 -10.22 -4.09
N ILE A 319 14.77 -10.07 -4.22
CA ILE A 319 13.88 -11.19 -4.50
C ILE A 319 13.40 -11.10 -5.93
N PRO A 320 13.78 -12.05 -6.81
CA PRO A 320 13.35 -11.97 -8.22
C PRO A 320 11.86 -12.01 -8.39
N LEU A 321 11.31 -10.96 -9.02
CA LEU A 321 9.88 -10.92 -9.30
C LEU A 321 9.61 -9.87 -10.41
N VAL A 322 9.27 -10.35 -11.61
CA VAL A 322 9.05 -9.48 -12.79
C VAL A 322 7.66 -8.81 -12.78
N GLY A 323 7.64 -7.51 -13.14
CA GLY A 323 6.41 -6.75 -13.32
C GLY A 323 6.38 -5.52 -12.43
N PHE A 324 5.22 -4.86 -12.42
CA PHE A 324 4.98 -3.74 -11.53
C PHE A 324 4.56 -4.28 -10.21
N ILE A 325 5.34 -3.98 -9.18
CA ILE A 325 5.01 -4.41 -7.86
C ILE A 325 4.10 -3.38 -7.27
N ASN A 326 2.82 -3.60 -7.45
CA ASN A 326 1.82 -2.58 -7.16
C ASN A 326 1.38 -2.59 -5.72
N SER A 327 1.63 -3.69 -4.99
CA SER A 327 1.26 -3.80 -3.62
C SER A 327 2.21 -4.75 -2.89
N LEU A 328 2.57 -4.40 -1.67
CA LEU A 328 3.36 -5.25 -0.73
C LEU A 328 2.75 -5.23 0.65
N LYS A 329 2.58 -6.42 1.25
CA LYS A 329 2.19 -6.53 2.66
C LYS A 329 2.89 -7.69 3.33
N PHE A 330 3.45 -7.44 4.52
CA PHE A 330 3.97 -8.54 5.37
C PHE A 330 2.83 -9.24 6.07
N SER A 331 2.98 -10.54 6.28
CA SER A 331 2.10 -11.29 7.19
C SER A 331 2.25 -10.74 8.62
N SER A 332 1.27 -11.01 9.48
CA SER A 332 1.34 -10.62 10.90
C SER A 332 2.51 -11.30 11.53
N SER A 333 2.69 -12.58 11.21
CA SER A 333 3.77 -13.41 11.74
C SER A 333 5.13 -12.91 11.30
N GLY A 334 5.20 -12.23 10.16
CA GLY A 334 6.48 -11.86 9.52
C GLY A 334 7.11 -13.03 8.73
N ASP A 335 6.39 -14.16 8.64
CA ASP A 335 6.95 -15.36 7.98
C ASP A 335 6.76 -15.37 6.48
N PHE A 336 5.95 -14.46 5.97
CA PHE A 336 5.82 -14.24 4.54
C PHE A 336 5.47 -12.80 4.14
N LEU A 337 5.76 -12.51 2.88
CA LEU A 337 5.52 -11.20 2.28
C LEU A 337 4.61 -11.45 1.06
N VAL A 338 3.58 -10.63 0.87
CA VAL A 338 2.71 -10.83 -0.25
C VAL A 338 2.89 -9.64 -1.22
N ALA A 339 3.07 -9.97 -2.51
CA ALA A 339 3.24 -8.95 -3.55
C ALA A 339 2.08 -9.03 -4.54
N GLY A 340 1.51 -7.87 -4.88
CA GLY A 340 0.50 -7.77 -5.92
C GLY A 340 1.15 -7.26 -7.18
N VAL A 341 1.12 -8.06 -8.24
CA VAL A 341 1.92 -7.80 -9.44
C VAL A 341 1.00 -7.48 -10.62
N GLY A 342 1.43 -6.54 -11.42
CA GLY A 342 0.76 -6.25 -12.67
C GLY A 342 1.69 -6.10 -13.85
N GLN A 343 1.13 -6.39 -15.02
CA GLN A 343 1.77 -6.01 -16.29
C GLN A 343 1.87 -4.51 -16.44
N GLU A 344 0.97 -3.79 -15.75
CA GLU A 344 0.89 -2.34 -15.79
C GLU A 344 1.01 -1.75 -14.39
N HIS A 345 1.38 -0.49 -14.36
CA HIS A 345 1.31 0.26 -13.12
C HIS A 345 -0.15 0.35 -12.65
N ARG A 346 -0.35 0.32 -11.33
CA ARG A 346 -1.70 0.35 -10.77
C ARG A 346 -2.54 1.57 -11.17
N LEU A 347 -1.92 2.70 -11.52
CA LEU A 347 -2.66 3.95 -11.81
C LEU A 347 -2.86 4.31 -13.27
N GLY A 348 -2.21 3.59 -14.18
CA GLY A 348 -2.34 3.89 -15.62
C GLY A 348 -1.80 2.83 -16.55
N ARG A 349 -1.92 3.12 -17.84
CA ARG A 349 -1.67 2.16 -18.92
C ARG A 349 -0.42 2.55 -19.71
N TRP A 350 0.36 3.47 -19.16
CA TRP A 350 1.52 4.06 -19.85
C TRP A 350 2.60 3.03 -20.24
N TRP A 351 2.78 2.04 -19.39
CA TRP A 351 3.81 1.03 -19.56
C TRP A 351 3.16 -0.33 -19.46
N ARG A 352 3.68 -1.27 -20.19
CA ARG A 352 3.22 -2.64 -20.06
C ARG A 352 4.46 -3.52 -20.07
N ILE A 353 4.53 -4.45 -19.12
CA ILE A 353 5.57 -5.46 -19.10
C ILE A 353 4.91 -6.80 -19.46
N LYS A 354 5.05 -7.21 -20.74
CA LYS A 354 4.31 -8.37 -21.28
C LYS A 354 4.75 -9.70 -20.63
N GLU A 355 5.97 -9.73 -20.09
CA GLU A 355 6.52 -10.93 -19.48
C GLU A 355 5.95 -11.16 -18.09
N ALA A 356 5.40 -10.12 -17.48
CA ALA A 356 4.80 -10.25 -16.17
C ALA A 356 3.46 -10.98 -16.19
N ARG A 357 3.09 -11.50 -15.04
CA ARG A 357 1.81 -12.12 -14.83
C ARG A 357 1.05 -11.33 -13.79
N ASN A 358 -0.23 -11.12 -14.02
CA ASN A 358 -1.08 -10.41 -13.11
C ASN A 358 -1.42 -11.36 -11.96
N SER A 359 -0.68 -11.24 -10.88
CA SER A 359 -0.65 -12.30 -9.88
C SER A 359 -0.52 -11.75 -8.47
N VAL A 360 -0.91 -12.58 -7.52
CA VAL A 360 -0.71 -12.39 -6.12
C VAL A 360 0.39 -13.39 -5.77
N CYS A 361 1.53 -12.91 -5.29
CA CYS A 361 2.71 -13.76 -5.03
C CYS A 361 3.01 -13.82 -3.52
N ILE A 362 3.04 -15.04 -3.00
CA ILE A 362 3.35 -15.31 -1.61
C ILE A 362 4.82 -15.69 -1.53
N ILE A 363 5.59 -14.80 -0.87
CA ILE A 363 7.03 -14.94 -0.76
C ILE A 363 7.40 -15.40 0.68
N PRO A 364 7.88 -16.60 0.84
CA PRO A 364 8.23 -17.01 2.22
C PRO A 364 9.54 -16.40 2.70
N LEU A 365 9.55 -16.01 3.98
CA LEU A 365 10.70 -15.39 4.61
C LEU A 365 11.18 -16.33 5.72
N ARG A 366 12.04 -17.25 5.41
CA ARG A 366 12.48 -18.28 6.37
C ARG A 366 13.85 -17.93 6.97
#